data_4NVI
#
_entry.id   4NVI
#
_cell.length_a   50.790
_cell.length_b   73.500
_cell.length_c   104.160
_cell.angle_alpha   90.000
_cell.angle_beta   90.000
_cell.angle_gamma   90.000
#
_symmetry.space_group_name_H-M   'P 21 21 21'
#
loop_
_entity.id
_entity.type
_entity.pdbx_description
1 polymer 'Cytochrome c peroxidase'
2 non-polymer 'PROTOPORPHYRIN IX CONTAINING FE'
3 non-polymer 3-bromoquinolin-4-amine
4 non-polymer 'PHOSPHATE ION'
5 water water
#
_entity_poly.entity_id   1
_entity_poly.type   'polypeptide(L)'
_entity_poly.pdbx_seq_one_letter_code
;LVHVASVEKGRSYEDFQKVYNAIALKLREDDEYDNYIGYGPVLVRLAWHISGTWDKHDNTGGSYGGTYRFKKEFNDPSNA
GLQNGFKFLEPIHKEFPWISSGDLFSLGGVTAVQEMQGPKIPWRCGRVDTPEDTTPDNGRLPDADKDAGYVRTFFQRLNM
NDREVVALMGAHALGKTHLKNSGYEGGGANNVFTNEFYLNLLNEDWKLEKNDANNEQWDSKSGYMMLPTDYSLIQDPKYL
SIVKEYANDQDKFFKDFSKAFEKLLENGITFPKDAPSPFIFKTLEEQGL
;
_entity_poly.pdbx_strand_id   B
#
loop_
_chem_comp.id
_chem_comp.type
_chem_comp.name
_chem_comp.formula
2NW non-polymer 3-bromoquinolin-4-amine 'C9 H7 Br N2'
HEM non-polymer 'PROTOPORPHYRIN IX CONTAINING FE' 'C34 H32 Fe N4 O4'
PO4 non-polymer 'PHOSPHATE ION' 'O4 P -3'
#
# COMPACT_ATOMS: atom_id res chain seq x y z
N LEU A 1 -16.17 -2.77 -20.85
CA LEU A 1 -16.45 -2.36 -19.40
C LEU A 1 -15.70 -1.09 -19.00
N VAL A 2 -16.46 -0.01 -18.87
CA VAL A 2 -15.94 1.31 -18.69
C VAL A 2 -16.47 1.85 -17.35
N HIS A 3 -15.55 2.37 -16.55
CA HIS A 3 -15.85 3.01 -15.28
C HIS A 3 -15.51 4.46 -15.37
N VAL A 4 -16.52 5.31 -15.46
CA VAL A 4 -16.28 6.71 -15.72
C VAL A 4 -16.32 7.43 -14.37
N ALA A 5 -15.30 8.22 -14.11
CA ALA A 5 -15.20 8.98 -12.86
C ALA A 5 -16.36 10.01 -12.85
N SER A 6 -17.05 10.11 -11.71
CA SER A 6 -18.16 11.02 -11.50
C SER A 6 -17.98 11.67 -10.17
N VAL A 7 -17.67 12.97 -10.22
CA VAL A 7 -17.37 13.78 -9.03
C VAL A 7 -18.60 13.75 -8.14
N GLU A 8 -18.40 13.40 -6.87
CA GLU A 8 -19.49 13.48 -5.88
C GLU A 8 -20.11 14.87 -6.00
N LYS A 9 -21.45 14.87 -6.07
CA LYS A 9 -22.16 16.07 -6.47
C LYS A 9 -21.86 17.25 -5.60
N GLY A 10 -21.38 18.31 -6.24
CA GLY A 10 -21.11 19.54 -5.59
C GLY A 10 -19.79 19.66 -4.87
N ARG A 11 -18.95 18.64 -4.97
CA ARG A 11 -17.68 18.66 -4.21
C ARG A 11 -16.49 19.21 -4.96
N SER A 12 -15.60 19.82 -4.22
CA SER A 12 -14.42 20.46 -4.81
C SER A 12 -13.24 20.17 -3.89
N TYR A 13 -12.09 20.72 -4.25
N TYR A 13 -12.09 20.73 -4.25
CA TYR A 13 -10.85 20.44 -3.53
CA TYR A 13 -10.85 20.47 -3.54
C TYR A 13 -11.00 20.54 -2.01
C TYR A 13 -11.01 20.53 -2.02
N GLU A 14 -11.63 21.61 -1.54
N GLU A 14 -11.60 21.61 -1.54
CA GLU A 14 -11.70 21.86 -0.11
CA GLU A 14 -11.68 21.86 -0.11
C GLU A 14 -12.47 20.77 0.60
C GLU A 14 -12.47 20.78 0.61
N ASP A 15 -13.50 20.23 -0.03
CA ASP A 15 -14.24 19.10 0.57
C ASP A 15 -13.29 17.91 0.84
N PHE A 16 -12.46 17.60 -0.16
CA PHE A 16 -11.55 16.47 -0.04
C PHE A 16 -10.41 16.73 0.92
N GLN A 17 -9.95 17.96 0.95
CA GLN A 17 -8.95 18.37 1.92
C GLN A 17 -9.48 18.17 3.35
N LYS A 18 -10.78 18.42 3.57
N LYS A 18 -10.78 18.41 3.56
CA LYS A 18 -11.37 18.13 4.88
CA LYS A 18 -11.36 18.12 4.88
C LYS A 18 -11.33 16.65 5.26
C LYS A 18 -11.32 16.63 5.26
N VAL A 19 -11.58 15.75 4.29
CA VAL A 19 -11.54 14.35 4.50
C VAL A 19 -10.09 13.91 4.81
N TYR A 20 -9.17 14.38 3.96
CA TYR A 20 -7.72 14.19 4.20
C TYR A 20 -7.38 14.59 5.65
N ASN A 21 -7.82 15.76 6.06
CA ASN A 21 -7.45 16.24 7.38
C ASN A 21 -8.02 15.38 8.48
N ALA A 22 -9.25 14.93 8.31
CA ALA A 22 -9.84 14.04 9.30
C ALA A 22 -9.09 12.73 9.44
N ILE A 23 -8.70 12.13 8.32
CA ILE A 23 -7.88 10.94 8.35
C ILE A 23 -6.55 11.23 9.04
N ALA A 24 -5.92 12.32 8.62
CA ALA A 24 -4.59 12.70 9.17
C ALA A 24 -4.63 12.94 10.69
N LEU A 25 -5.72 13.56 11.16
CA LEU A 25 -5.82 13.86 12.60
C LEU A 25 -6.07 12.57 13.37
N LYS A 26 -6.83 11.65 12.78
N LYS A 26 -6.82 11.65 12.79
CA LYS A 26 -7.09 10.38 13.41
CA LYS A 26 -7.06 10.39 13.44
C LYS A 26 -5.83 9.51 13.44
C LYS A 26 -5.79 9.54 13.47
N LEU A 27 -5.01 9.64 12.39
CA LEU A 27 -3.71 8.96 12.34
C LEU A 27 -2.81 9.40 13.50
N ARG A 28 -2.82 10.69 13.74
CA ARG A 28 -2.04 11.28 14.83
C ARG A 28 -2.62 10.81 16.16
N GLU A 29 -3.95 10.74 16.28
CA GLU A 29 -4.61 10.45 17.56
C GLU A 29 -4.47 8.99 18.00
N ASP A 30 -4.64 8.10 17.03
CA ASP A 30 -4.70 6.67 17.33
C ASP A 30 -3.33 6.05 17.20
N ASP A 31 -2.41 6.51 18.04
CA ASP A 31 -1.00 6.23 17.90
C ASP A 31 -0.54 4.86 18.48
N GLU A 32 -1.40 4.23 19.25
N GLU A 32 -1.37 4.23 19.29
CA GLU A 32 -1.07 3.01 19.97
CA GLU A 32 -0.98 2.99 19.95
C GLU A 32 -1.09 1.77 19.08
C GLU A 32 -1.09 1.74 19.07
N TYR A 33 -1.88 1.82 18.01
CA TYR A 33 -2.16 0.65 17.19
C TYR A 33 -0.90 -0.11 16.76
N ASP A 34 -0.92 -1.43 16.90
CA ASP A 34 0.16 -2.32 16.43
C ASP A 34 1.50 -1.93 17.01
N ASN A 35 1.58 -1.94 18.35
CA ASN A 35 2.79 -1.57 19.07
C ASN A 35 3.37 -0.22 18.64
N TYR A 36 2.46 0.75 18.59
CA TYR A 36 2.81 2.13 18.34
C TYR A 36 3.30 2.40 16.93
N ILE A 37 2.97 1.50 16.00
CA ILE A 37 3.25 1.81 14.58
C ILE A 37 2.24 2.85 14.12
N GLY A 38 1.01 2.70 14.58
CA GLY A 38 -0.14 3.51 14.15
C GLY A 38 -0.70 2.95 12.84
N TYR A 39 -1.74 3.60 12.31
CA TYR A 39 -2.53 3.03 11.21
C TYR A 39 -2.00 3.37 9.83
N GLY A 40 -0.96 4.15 9.76
CA GLY A 40 -0.46 4.58 8.41
C GLY A 40 -0.17 3.40 7.50
N PRO A 41 0.68 2.44 7.93
CA PRO A 41 1.00 1.34 7.05
C PRO A 41 -0.18 0.49 6.63
N VAL A 42 -1.08 0.12 7.55
CA VAL A 42 -2.24 -0.69 7.16
C VAL A 42 -3.17 0.05 6.19
N LEU A 43 -3.27 1.36 6.30
CA LEU A 43 -4.04 2.17 5.33
C LEU A 43 -3.37 2.17 3.92
N VAL A 44 -2.03 2.17 3.88
CA VAL A 44 -1.37 2.03 2.58
C VAL A 44 -1.61 0.64 1.97
N ARG A 45 -1.52 -0.42 2.82
N ARG A 45 -1.51 -0.43 2.81
CA ARG A 45 -1.80 -1.76 2.35
CA ARG A 45 -1.79 -1.78 2.37
C ARG A 45 -3.23 -1.86 1.84
C ARG A 45 -3.22 -1.87 1.86
N LEU A 46 -4.16 -1.23 2.57
CA LEU A 46 -5.55 -1.26 2.14
C LEU A 46 -5.72 -0.61 0.75
N ALA A 47 -5.15 0.57 0.56
CA ALA A 47 -5.28 1.25 -0.72
C ALA A 47 -4.68 0.36 -1.85
N TRP A 48 -3.59 -0.33 -1.58
CA TRP A 48 -3.00 -1.23 -2.57
C TRP A 48 -3.88 -2.43 -2.85
N HIS A 49 -4.44 -3.00 -1.79
CA HIS A 49 -5.29 -4.22 -2.00
C HIS A 49 -6.62 -3.96 -2.67
N ILE A 50 -7.23 -2.81 -2.44
CA ILE A 50 -8.47 -2.49 -3.15
C ILE A 50 -8.19 -2.19 -4.62
N SER A 51 -6.96 -1.82 -4.92
CA SER A 51 -6.55 -1.48 -6.30
C SER A 51 -5.98 -2.68 -7.05
N GLY A 52 -5.27 -3.56 -6.34
CA GLY A 52 -4.50 -4.65 -6.89
C GLY A 52 -5.30 -5.83 -7.41
N THR A 53 -6.62 -5.74 -7.27
CA THR A 53 -7.52 -6.72 -7.83
C THR A 53 -7.75 -6.45 -9.29
N TRP A 54 -7.26 -5.33 -9.80
CA TRP A 54 -7.56 -4.94 -11.17
C TRP A 54 -7.02 -5.90 -12.19
N ASP A 55 -7.75 -6.06 -13.30
CA ASP A 55 -7.31 -6.88 -14.41
C ASP A 55 -7.44 -6.08 -15.67
N LYS A 56 -6.31 -5.69 -16.27
CA LYS A 56 -6.30 -4.88 -17.48
C LYS A 56 -7.06 -5.52 -18.64
N HIS A 57 -7.16 -6.84 -18.64
CA HIS A 57 -7.74 -7.55 -19.78
C HIS A 57 -9.23 -7.31 -19.94
N ASP A 58 -9.96 -7.18 -18.83
CA ASP A 58 -11.39 -6.94 -18.90
C ASP A 58 -11.85 -5.77 -18.03
N ASN A 59 -10.89 -5.08 -17.43
CA ASN A 59 -11.17 -3.97 -16.52
C ASN A 59 -12.06 -4.31 -15.35
N THR A 60 -11.97 -5.55 -14.87
CA THR A 60 -12.64 -5.92 -13.63
C THR A 60 -11.73 -5.60 -12.47
N GLY A 61 -12.30 -5.53 -11.27
CA GLY A 61 -11.53 -5.19 -10.09
C GLY A 61 -11.14 -3.70 -10.11
N GLY A 62 -10.10 -3.41 -9.33
CA GLY A 62 -9.63 -2.07 -9.21
C GLY A 62 -10.39 -1.26 -8.16
N SER A 63 -9.90 -0.06 -7.91
CA SER A 63 -10.43 0.78 -6.84
C SER A 63 -11.79 1.35 -7.07
N TYR A 64 -12.26 1.39 -8.32
CA TYR A 64 -13.39 2.24 -8.65
C TYR A 64 -14.64 1.95 -7.83
N GLY A 65 -14.99 0.69 -7.75
CA GLY A 65 -16.32 0.36 -7.28
C GLY A 65 -16.45 0.24 -5.78
N GLY A 66 -15.38 0.41 -5.03
CA GLY A 66 -15.44 0.35 -3.58
C GLY A 66 -15.81 -1.01 -3.02
N THR A 67 -15.51 -2.09 -3.74
CA THR A 67 -16.10 -3.41 -3.46
C THR A 67 -15.50 -4.15 -2.28
N TYR A 68 -14.43 -3.59 -1.73
CA TYR A 68 -13.88 -4.12 -0.48
C TYR A 68 -14.90 -4.08 0.66
N ARG A 69 -15.89 -3.21 0.55
CA ARG A 69 -16.95 -3.10 1.55
C ARG A 69 -17.82 -4.37 1.59
N PHE A 70 -17.79 -5.16 0.54
CA PHE A 70 -18.60 -6.40 0.47
C PHE A 70 -17.89 -7.62 1.02
N LYS A 71 -18.64 -8.49 1.69
CA LYS A 71 -18.12 -9.68 2.36
C LYS A 71 -17.11 -10.50 1.58
N LYS A 72 -17.37 -10.76 0.31
CA LYS A 72 -16.52 -11.67 -0.42
C LYS A 72 -15.07 -11.12 -0.41
N GLU A 73 -14.95 -9.83 -0.68
CA GLU A 73 -13.62 -9.21 -0.78
C GLU A 73 -13.04 -8.89 0.59
N PHE A 74 -13.88 -8.37 1.49
CA PHE A 74 -13.52 -8.10 2.85
C PHE A 74 -12.89 -9.34 3.51
N ASN A 75 -13.42 -10.51 3.15
CA ASN A 75 -12.99 -11.77 3.75
C ASN A 75 -11.95 -12.53 2.95
N ASP A 76 -11.45 -11.92 1.87
CA ASP A 76 -10.37 -12.55 1.13
C ASP A 76 -9.22 -12.86 2.05
N PRO A 77 -8.72 -14.13 2.07
CA PRO A 77 -7.56 -14.38 2.94
C PRO A 77 -6.38 -13.41 2.68
N SER A 78 -6.24 -12.96 1.42
CA SER A 78 -5.16 -12.00 1.10
C SER A 78 -5.34 -10.68 1.79
N ASN A 79 -6.57 -10.39 2.23
CA ASN A 79 -6.92 -9.15 2.95
C ASN A 79 -6.96 -9.27 4.47
N ALA A 80 -6.49 -10.38 5.02
CA ALA A 80 -6.50 -10.55 6.47
C ALA A 80 -5.69 -9.45 7.17
N GLY A 81 -6.31 -8.82 8.17
CA GLY A 81 -5.73 -7.70 8.86
C GLY A 81 -6.17 -6.34 8.33
N LEU A 82 -6.62 -6.26 7.10
CA LEU A 82 -7.13 -5.01 6.59
C LEU A 82 -8.41 -4.48 7.22
N GLN A 83 -9.11 -5.38 7.93
CA GLN A 83 -10.28 -4.94 8.69
C GLN A 83 -9.94 -3.83 9.68
N ASN A 84 -8.72 -3.80 10.19
CA ASN A 84 -8.30 -2.73 11.08
C ASN A 84 -8.32 -1.36 10.35
N GLY A 85 -7.91 -1.38 9.07
CA GLY A 85 -7.94 -0.17 8.26
C GLY A 85 -9.36 0.26 7.99
N PHE A 86 -10.22 -0.72 7.68
CA PHE A 86 -11.64 -0.45 7.45
C PHE A 86 -12.29 0.16 8.69
N LYS A 87 -12.04 -0.42 9.85
CA LYS A 87 -12.57 0.13 11.08
C LYS A 87 -12.05 1.53 11.39
N PHE A 88 -10.79 1.81 11.09
CA PHE A 88 -10.23 3.11 11.27
C PHE A 88 -10.99 4.11 10.38
N LEU A 89 -11.31 3.69 9.15
CA LEU A 89 -11.93 4.64 8.21
C LEU A 89 -13.45 4.82 8.43
N GLU A 90 -14.06 3.90 9.17
N GLU A 90 -14.06 3.90 9.18
CA GLU A 90 -15.50 3.95 9.38
CA GLU A 90 -15.51 3.94 9.40
C GLU A 90 -16.02 5.23 9.97
C GLU A 90 -16.01 5.24 9.97
N PRO A 91 -15.43 5.73 11.08
CA PRO A 91 -15.87 7.05 11.59
C PRO A 91 -15.64 8.21 10.65
N ILE A 92 -14.61 8.09 9.82
CA ILE A 92 -14.37 9.13 8.83
C ILE A 92 -15.49 9.13 7.80
N HIS A 93 -15.93 7.95 7.42
CA HIS A 93 -16.98 7.86 6.44
C HIS A 93 -18.29 8.37 7.06
N LYS A 94 -18.51 8.07 8.35
CA LYS A 94 -19.71 8.59 9.03
C LYS A 94 -19.69 10.11 9.07
N GLU A 95 -18.52 10.74 9.26
CA GLU A 95 -18.39 12.21 9.23
C GLU A 95 -18.59 12.86 7.85
N PHE A 96 -18.17 12.15 6.81
CA PHE A 96 -18.24 12.60 5.43
C PHE A 96 -18.90 11.54 4.58
N PRO A 97 -20.21 11.32 4.79
CA PRO A 97 -20.86 10.22 4.09
C PRO A 97 -21.04 10.43 2.58
N TRP A 98 -20.80 11.66 2.14
CA TRP A 98 -20.90 12.02 0.72
C TRP A 98 -19.82 11.33 -0.10
N ILE A 99 -18.73 10.92 0.53
CA ILE A 99 -17.59 10.36 -0.26
C ILE A 99 -17.82 8.92 -0.64
N SER A 100 -17.46 8.53 -1.88
CA SER A 100 -17.60 7.15 -2.24
C SER A 100 -16.58 6.27 -1.50
N SER A 101 -16.87 5.00 -1.38
CA SER A 101 -16.01 4.06 -0.68
C SER A 101 -14.63 3.95 -1.37
N GLY A 102 -14.63 3.86 -2.70
CA GLY A 102 -13.35 3.75 -3.41
C GLY A 102 -12.52 4.99 -3.21
N ASP A 103 -13.18 6.13 -3.25
CA ASP A 103 -12.47 7.39 -2.99
C ASP A 103 -11.92 7.40 -1.59
N LEU A 104 -12.73 6.97 -0.61
CA LEU A 104 -12.23 6.98 0.75
C LEU A 104 -11.04 6.04 0.97
N PHE A 105 -11.16 4.83 0.46
CA PHE A 105 -10.09 3.81 0.65
C PHE A 105 -8.79 4.29 0.00
N SER A 106 -8.91 4.83 -1.22
CA SER A 106 -7.73 5.27 -1.92
C SER A 106 -7.12 6.53 -1.26
N LEU A 107 -7.97 7.48 -0.87
CA LEU A 107 -7.53 8.67 -0.16
C LEU A 107 -6.85 8.35 1.18
N GLY A 108 -7.33 7.31 1.87
CA GLY A 108 -6.68 6.89 3.08
C GLY A 108 -5.23 6.48 2.84
N GLY A 109 -4.95 5.85 1.70
CA GLY A 109 -3.56 5.50 1.35
C GLY A 109 -2.65 6.70 1.02
N VAL A 110 -3.23 7.64 0.27
CA VAL A 110 -2.58 8.91 -0.06
C VAL A 110 -2.26 9.66 1.21
N THR A 111 -3.27 9.76 2.09
CA THR A 111 -3.08 10.54 3.31
C THR A 111 -1.99 9.90 4.16
N ALA A 112 -2.08 8.57 4.34
CA ALA A 112 -1.08 7.84 5.08
C ALA A 112 0.33 8.06 4.57
N VAL A 113 0.52 7.92 3.26
CA VAL A 113 1.86 8.13 2.71
C VAL A 113 2.37 9.53 3.04
N GLN A 114 1.54 10.53 2.77
CA GLN A 114 1.97 11.90 3.00
C GLN A 114 2.24 12.24 4.42
N GLU A 115 1.35 11.76 5.31
CA GLU A 115 1.52 12.08 6.73
C GLU A 115 2.70 11.35 7.35
N MET A 116 3.10 10.26 6.76
CA MET A 116 4.34 9.55 7.12
C MET A 116 5.60 10.13 6.43
N GLN A 117 5.48 11.34 5.92
CA GLN A 117 6.59 12.13 5.35
C GLN A 117 7.03 11.57 4.01
N GLY A 118 6.12 10.88 3.36
CA GLY A 118 6.36 10.43 1.97
C GLY A 118 6.18 11.51 0.93
N PRO A 119 6.27 11.10 -0.33
CA PRO A 119 6.03 12.08 -1.39
C PRO A 119 4.59 12.52 -1.45
N LYS A 120 4.36 13.67 -2.08
CA LYS A 120 2.99 14.03 -2.44
C LYS A 120 2.51 13.07 -3.50
N ILE A 121 1.27 12.62 -3.36
CA ILE A 121 0.63 11.74 -4.30
C ILE A 121 -0.60 12.45 -4.83
N PRO A 122 -0.55 12.90 -6.10
CA PRO A 122 -1.74 13.52 -6.62
C PRO A 122 -2.88 12.52 -6.61
N TRP A 123 -4.12 13.01 -6.39
CA TRP A 123 -5.25 12.09 -6.21
C TRP A 123 -6.46 12.66 -6.89
N ARG A 124 -7.23 11.79 -7.52
CA ARG A 124 -8.40 12.19 -8.26
C ARG A 124 -9.61 11.52 -7.63
N CYS A 125 -10.67 12.33 -7.59
CA CYS A 125 -11.94 11.89 -7.08
C CYS A 125 -12.81 11.32 -8.18
N GLY A 126 -13.87 10.68 -7.74
CA GLY A 126 -14.95 10.27 -8.66
C GLY A 126 -15.15 8.80 -8.85
N ARG A 127 -14.47 7.97 -8.07
CA ARG A 127 -14.83 6.56 -7.99
C ARG A 127 -16.30 6.47 -7.49
N VAL A 128 -17.05 5.52 -8.08
CA VAL A 128 -18.50 5.37 -7.78
C VAL A 128 -18.75 3.98 -7.25
N ASP A 129 -19.48 3.85 -6.13
CA ASP A 129 -19.74 2.57 -5.56
C ASP A 129 -20.55 1.74 -6.56
N THR A 130 -20.13 0.51 -6.77
CA THR A 130 -20.80 -0.39 -7.68
C THR A 130 -21.42 -1.53 -6.85
N PRO A 131 -22.37 -2.27 -7.43
CA PRO A 131 -23.07 -3.31 -6.64
C PRO A 131 -22.27 -4.54 -6.27
N GLU A 132 -22.82 -5.33 -5.34
CA GLU A 132 -22.14 -6.50 -4.77
C GLU A 132 -21.65 -7.52 -5.81
N ASP A 133 -22.42 -7.68 -6.88
CA ASP A 133 -22.07 -8.63 -7.92
C ASP A 133 -20.91 -8.16 -8.81
N THR A 134 -20.42 -6.93 -8.58
CA THR A 134 -19.19 -6.45 -9.26
C THR A 134 -17.92 -6.77 -8.45
N THR A 135 -18.08 -7.39 -7.28
CA THR A 135 -16.94 -7.69 -6.41
C THR A 135 -16.10 -8.78 -7.11
N PRO A 136 -14.78 -8.53 -7.30
CA PRO A 136 -13.92 -9.56 -7.86
C PRO A 136 -13.77 -10.73 -6.90
N ASP A 137 -13.64 -11.94 -7.45
CA ASP A 137 -13.36 -13.13 -6.64
C ASP A 137 -11.99 -13.01 -5.96
N ASN A 138 -11.82 -13.71 -4.86
CA ASN A 138 -10.55 -13.82 -4.17
C ASN A 138 -9.52 -14.46 -5.14
N GLY A 139 -8.24 -14.23 -4.86
CA GLY A 139 -7.18 -14.89 -5.55
C GLY A 139 -6.46 -14.01 -6.56
N ARG A 140 -6.81 -12.72 -6.61
CA ARG A 140 -6.23 -11.80 -7.59
C ARG A 140 -5.03 -11.04 -7.04
N LEU A 141 -4.86 -11.07 -5.73
CA LEU A 141 -3.69 -10.44 -5.11
C LEU A 141 -2.52 -11.39 -5.07
N PRO A 142 -1.28 -10.86 -5.01
CA PRO A 142 -0.14 -11.73 -5.20
C PRO A 142 0.32 -12.58 -4.01
N ASP A 143 0.86 -13.75 -4.32
CA ASP A 143 1.54 -14.58 -3.36
C ASP A 143 2.91 -14.03 -3.02
N ALA A 144 3.38 -14.31 -1.80
N ALA A 144 3.38 -14.30 -1.81
CA ALA A 144 4.67 -13.82 -1.34
CA ALA A 144 4.66 -13.79 -1.34
C ALA A 144 5.79 -14.86 -1.39
C ALA A 144 5.77 -14.83 -1.39
N ASP A 145 5.43 -16.11 -1.65
N ASP A 145 5.41 -16.08 -1.64
CA ASP A 145 6.38 -17.22 -1.66
CA ASP A 145 6.39 -17.18 -1.64
C ASP A 145 6.85 -17.56 -3.06
C ASP A 145 6.94 -17.46 -3.03
N LYS A 146 7.21 -16.54 -3.81
N LYS A 146 7.03 -16.43 -3.85
CA LYS A 146 7.41 -16.65 -5.23
CA LYS A 146 7.38 -16.59 -5.24
C LYS A 146 8.66 -15.85 -5.64
C LYS A 146 8.66 -15.85 -5.63
N ASP A 147 9.07 -16.03 -6.88
CA ASP A 147 10.31 -15.51 -7.36
C ASP A 147 10.10 -14.30 -8.27
N ALA A 148 11.19 -13.77 -8.83
CA ALA A 148 11.11 -12.54 -9.59
C ALA A 148 10.25 -12.69 -10.81
N GLY A 149 10.33 -13.84 -11.48
CA GLY A 149 9.51 -14.08 -12.64
C GLY A 149 8.04 -14.02 -12.33
N TYR A 150 7.65 -14.57 -11.18
CA TYR A 150 6.28 -14.49 -10.74
C TYR A 150 5.85 -13.02 -10.54
N VAL A 151 6.68 -12.28 -9.79
CA VAL A 151 6.44 -10.86 -9.55
C VAL A 151 6.23 -10.08 -10.87
N ARG A 152 7.12 -10.30 -11.80
CA ARG A 152 7.11 -9.57 -13.08
C ARG A 152 5.83 -9.90 -13.84
N THR A 153 5.53 -11.18 -13.92
CA THR A 153 4.31 -11.61 -14.65
C THR A 153 3.03 -11.12 -13.97
N PHE A 154 2.97 -11.25 -12.65
CA PHE A 154 1.81 -10.82 -11.84
C PHE A 154 1.51 -9.34 -12.20
N PHE A 155 2.57 -8.49 -12.14
CA PHE A 155 2.36 -7.05 -12.24
C PHE A 155 2.06 -6.58 -13.64
N GLN A 156 2.34 -7.42 -14.63
CA GLN A 156 1.84 -7.13 -16.00
C GLN A 156 0.33 -7.02 -16.06
N ARG A 157 -0.38 -7.77 -15.20
CA ARG A 157 -1.80 -7.66 -15.19
C ARG A 157 -2.33 -6.34 -14.74
N LEU A 158 -1.49 -5.62 -13.96
CA LEU A 158 -1.80 -4.30 -13.45
C LEU A 158 -1.13 -3.23 -14.32
N ASN A 159 -0.62 -3.68 -15.46
CA ASN A 159 0.08 -2.81 -16.39
C ASN A 159 1.24 -2.06 -15.74
N MET A 160 1.97 -2.73 -14.86
CA MET A 160 3.16 -2.12 -14.23
C MET A 160 4.43 -2.77 -14.79
N ASN A 161 5.41 -1.92 -15.15
CA ASN A 161 6.70 -2.35 -15.63
C ASN A 161 7.70 -2.53 -14.49
N ASP A 162 8.94 -2.90 -14.84
CA ASP A 162 9.92 -3.23 -13.81
C ASP A 162 10.15 -2.09 -12.85
N ARG A 163 10.29 -0.88 -13.38
N ARG A 163 10.29 -0.88 -13.37
CA ARG A 163 10.57 0.27 -12.53
CA ARG A 163 10.57 0.27 -12.55
C ARG A 163 9.39 0.53 -11.61
C ARG A 163 9.40 0.55 -11.62
N GLU A 164 8.19 0.42 -12.14
CA GLU A 164 6.98 0.66 -11.37
C GLU A 164 6.84 -0.37 -10.25
N VAL A 165 7.20 -1.61 -10.54
CA VAL A 165 7.14 -2.72 -9.55
C VAL A 165 8.13 -2.44 -8.42
N VAL A 166 9.39 -2.18 -8.77
CA VAL A 166 10.40 -1.94 -7.77
C VAL A 166 10.04 -0.73 -6.94
N ALA A 167 9.55 0.33 -7.57
CA ALA A 167 9.15 1.52 -6.82
C ALA A 167 8.01 1.22 -5.87
N LEU A 168 6.96 0.55 -6.36
CA LEU A 168 5.84 0.24 -5.50
C LEU A 168 6.24 -0.58 -4.28
N MET A 169 7.16 -1.53 -4.48
CA MET A 169 7.57 -2.40 -3.39
C MET A 169 8.27 -1.64 -2.27
N GLY A 170 8.71 -0.43 -2.57
CA GLY A 170 9.37 0.41 -1.58
C GLY A 170 8.46 0.72 -0.39
N ALA A 171 7.17 0.53 -0.59
CA ALA A 171 6.22 0.73 0.50
C ALA A 171 6.46 -0.27 1.62
N HIS A 172 7.26 -1.30 1.35
CA HIS A 172 7.54 -2.30 2.36
C HIS A 172 8.54 -1.81 3.35
N ALA A 173 8.87 -0.53 3.26
CA ALA A 173 9.64 0.11 4.32
C ALA A 173 8.70 0.34 5.49
N LEU A 174 7.40 0.24 5.22
CA LEU A 174 6.38 0.59 6.20
C LEU A 174 5.86 -0.60 6.91
N GLY A 175 5.63 -0.49 8.22
CA GLY A 175 4.90 -1.54 8.87
C GLY A 175 5.66 -2.86 8.92
N LYS A 176 4.86 -3.92 8.98
N LYS A 176 4.88 -3.94 8.97
CA LYS A 176 5.38 -5.27 9.27
CA LYS A 176 5.45 -5.27 9.16
C LYS A 176 4.44 -6.34 8.76
C LYS A 176 4.45 -6.34 8.82
N THR A 177 4.97 -7.57 8.76
CA THR A 177 4.15 -8.73 8.58
C THR A 177 3.74 -9.22 9.99
N HIS A 178 2.61 -9.87 10.00
CA HIS A 178 2.01 -10.44 11.22
C HIS A 178 1.68 -11.91 10.94
N LEU A 179 2.30 -12.80 11.71
CA LEU A 179 2.14 -14.23 11.42
C LEU A 179 0.66 -14.66 11.29
N LYS A 180 -0.20 -14.16 12.18
CA LYS A 180 -1.62 -14.49 12.11
C LYS A 180 -2.38 -13.99 10.87
N ASN A 181 -1.91 -12.91 10.25
CA ASN A 181 -2.53 -12.42 9.01
C ASN A 181 -2.06 -13.14 7.80
N SER A 182 -0.74 -13.30 7.67
CA SER A 182 -0.17 -13.71 6.38
C SER A 182 0.75 -14.92 6.42
N GLY A 183 1.10 -15.37 7.62
N GLY A 183 1.15 -15.36 7.61
N GLY A 183 1.15 -15.35 7.62
CA GLY A 183 2.01 -16.49 7.76
CA GLY A 183 2.07 -16.46 7.74
CA GLY A 183 2.08 -16.46 7.75
C GLY A 183 3.46 -16.06 7.65
C GLY A 183 3.53 -16.04 7.67
C GLY A 183 3.54 -16.05 7.67
N TYR A 184 3.72 -14.78 7.86
N TYR A 184 3.79 -14.76 7.92
N TYR A 184 3.80 -14.77 7.94
CA TYR A 184 5.07 -14.27 7.86
CA TYR A 184 5.14 -14.22 8.00
CA TYR A 184 5.16 -14.25 7.99
C TYR A 184 5.36 -13.55 9.17
C TYR A 184 5.22 -13.38 9.27
C TYR A 184 5.30 -13.43 9.28
N GLU A 185 6.56 -13.79 9.69
N GLU A 185 6.40 -13.30 9.86
N GLU A 185 6.47 -13.41 9.89
CA GLU A 185 6.96 -13.31 11.00
CA GLU A 185 6.57 -12.48 11.06
CA GLU A 185 6.62 -12.60 11.07
C GLU A 185 7.65 -11.97 10.88
C GLU A 185 7.76 -11.55 10.91
C GLU A 185 7.79 -11.64 10.94
N GLY A 186 7.03 -10.96 11.48
N GLY A 186 7.62 -10.33 11.46
N GLY A 186 7.65 -10.47 11.53
CA GLY A 186 7.52 -9.60 11.40
CA GLY A 186 8.73 -9.40 11.53
CA GLY A 186 8.76 -9.54 11.63
C GLY A 186 8.87 -9.36 12.02
C GLY A 186 8.72 -8.28 10.51
C GLY A 186 8.71 -8.38 10.68
N GLY A 187 9.54 -8.35 11.49
N GLY A 187 9.72 -7.40 10.62
N GLY A 187 9.68 -7.50 10.81
CA GLY A 187 10.84 -7.90 11.89
CA GLY A 187 9.85 -6.27 9.72
CA GLY A 187 9.71 -6.29 10.03
C GLY A 187 10.75 -6.43 12.28
C GLY A 187 10.17 -4.98 10.45
C GLY A 187 10.16 -5.14 10.91
N GLY A 188 11.90 -5.78 12.36
N GLY A 188 10.17 -5.05 11.77
N GLY A 188 10.50 -4.05 10.25
CA GLY A 188 11.97 -4.36 12.65
CA GLY A 188 10.42 -3.88 12.58
CA GLY A 188 11.08 -2.90 10.88
C GLY A 188 11.04 -3.59 11.74
C GLY A 188 9.13 -3.14 12.85
C GLY A 188 10.18 -2.16 11.84
N ALA A 189 10.40 -2.58 12.27
N ALA A 189 9.24 -1.83 13.03
N ALA A 189 8.87 -2.29 11.64
CA ALA A 189 9.32 -1.86 11.60
CA ALA A 189 8.07 -1.03 13.37
CA ALA A 189 7.88 -1.63 12.48
C ALA A 189 9.47 -0.36 11.84
C ALA A 189 8.16 0.37 12.78
C ALA A 189 7.99 -0.12 12.31
N ASN A 190 9.04 0.41 10.87
N ASN A 190 8.63 0.47 11.55
N ASN A 190 8.24 0.31 11.09
CA ASN A 190 9.04 1.85 10.92
CA ASN A 190 8.81 1.78 10.94
CA ASN A 190 8.58 1.68 10.84
C ASN A 190 7.74 2.39 10.34
C ASN A 190 7.54 2.41 10.41
C ASN A 190 7.38 2.43 10.30
N ASN A 191 7.45 3.65 10.69
N ASN A 191 7.33 3.68 10.73
N ASN A 191 7.24 3.68 10.69
CA ASN A 191 6.26 4.36 10.21
CA ASN A 191 6.19 4.42 10.22
CA ASN A 191 6.13 4.48 10.21
C ASN A 191 6.59 5.72 9.59
C ASN A 191 6.58 5.76 9.59
C ASN A 191 6.57 5.80 9.58
N VAL A 192 7.81 5.85 9.09
CA VAL A 192 8.23 6.96 8.28
C VAL A 192 8.55 6.42 6.88
N PHE A 193 8.01 7.10 5.87
CA PHE A 193 8.20 6.71 4.47
C PHE A 193 9.57 7.15 3.99
N THR A 194 10.46 6.17 3.69
CA THR A 194 11.81 6.47 3.24
C THR A 194 12.13 5.44 2.17
N ASN A 195 13.37 5.52 1.65
CA ASN A 195 13.92 4.49 0.76
C ASN A 195 14.63 3.38 1.49
N GLU A 196 14.37 3.21 2.77
N GLU A 196 14.37 3.21 2.79
CA GLU A 196 15.10 2.23 3.56
CA GLU A 196 15.08 2.22 3.60
C GLU A 196 14.91 0.77 3.14
C GLU A 196 14.90 0.77 3.15
N PHE A 197 13.79 0.45 2.51
CA PHE A 197 13.59 -0.89 1.98
C PHE A 197 14.75 -1.32 1.10
N TYR A 198 15.22 -0.42 0.22
CA TYR A 198 16.27 -0.74 -0.70
C TYR A 198 17.63 -0.81 -0.03
N LEU A 199 17.85 0.09 0.90
CA LEU A 199 19.08 0.05 1.67
C LEU A 199 19.16 -1.25 2.49
N ASN A 200 18.07 -1.65 3.07
CA ASN A 200 18.05 -2.88 3.84
C ASN A 200 18.37 -4.10 2.97
N LEU A 201 17.72 -4.18 1.81
CA LEU A 201 17.99 -5.24 0.85
C LEU A 201 19.47 -5.34 0.52
N LEU A 202 20.12 -4.21 0.26
CA LEU A 202 21.50 -4.21 -0.23
C LEU A 202 22.52 -4.33 0.91
N ASN A 203 22.19 -3.86 2.10
CA ASN A 203 23.22 -3.72 3.15
C ASN A 203 23.17 -4.76 4.24
N GLU A 204 22.04 -5.43 4.41
N GLU A 204 22.03 -5.42 4.43
CA GLU A 204 21.92 -6.40 5.48
CA GLU A 204 21.89 -6.39 5.51
C GLU A 204 22.47 -7.76 5.09
C GLU A 204 22.39 -7.78 5.10
N ASP A 205 22.82 -8.51 6.13
N ASP A 205 22.90 -8.53 6.08
CA ASP A 205 23.29 -9.89 6.06
CA ASP A 205 23.38 -9.88 5.81
C ASP A 205 22.05 -10.79 6.17
C ASP A 205 22.21 -10.85 6.11
N TRP A 206 21.57 -11.27 5.02
CA TRP A 206 20.33 -12.02 5.00
C TRP A 206 20.56 -13.51 5.03
N LYS A 207 19.68 -14.22 5.75
N LYS A 207 19.70 -14.22 5.78
CA LYS A 207 19.73 -15.68 5.87
CA LYS A 207 19.74 -15.68 5.78
C LYS A 207 18.34 -16.24 5.62
C LYS A 207 18.35 -16.23 5.60
N LEU A 208 18.19 -17.20 4.69
CA LEU A 208 16.90 -17.78 4.41
C LEU A 208 16.54 -18.73 5.54
N GLU A 209 15.34 -18.59 6.04
CA GLU A 209 14.85 -19.36 7.20
C GLU A 209 13.43 -19.76 6.99
N LYS A 210 12.97 -20.76 7.72
CA LYS A 210 11.61 -21.23 7.63
C LYS A 210 10.92 -20.85 8.92
N ASN A 211 9.83 -20.08 8.82
CA ASN A 211 9.22 -19.54 10.00
C ASN A 211 8.25 -20.54 10.66
N ASP A 212 7.60 -20.09 11.71
CA ASP A 212 6.72 -21.00 12.48
C ASP A 212 5.40 -21.32 11.78
N ALA A 213 5.11 -20.62 10.68
CA ALA A 213 4.00 -21.00 9.82
C ALA A 213 4.43 -21.87 8.65
N ASN A 214 5.68 -22.32 8.67
N ASN A 214 5.69 -22.31 8.69
CA ASN A 214 6.23 -23.19 7.64
CA ASN A 214 6.34 -23.15 7.68
C ASN A 214 6.51 -22.49 6.33
C ASN A 214 6.58 -22.48 6.35
N ASN A 215 6.61 -21.15 6.34
CA ASN A 215 6.91 -20.42 5.15
C ASN A 215 8.34 -19.92 5.19
N GLU A 216 8.94 -19.84 4.01
N GLU A 216 8.93 -19.84 4.00
CA GLU A 216 10.28 -19.32 3.92
CA GLU A 216 10.27 -19.30 3.85
C GLU A 216 10.29 -17.80 3.90
C GLU A 216 10.27 -17.78 3.90
N GLN A 217 11.23 -17.23 4.63
CA GLN A 217 11.49 -15.77 4.62
C GLN A 217 12.95 -15.50 4.88
N TRP A 218 13.45 -14.36 4.45
CA TRP A 218 14.80 -13.95 4.64
C TRP A 218 14.91 -13.05 5.86
N ASP A 219 15.83 -13.40 6.75
CA ASP A 219 15.97 -12.72 8.04
C ASP A 219 17.36 -12.20 8.22
N SER A 220 17.50 -11.02 8.77
CA SER A 220 18.84 -10.51 8.99
C SER A 220 19.23 -10.58 10.44
N LYS A 221 20.54 -10.58 10.61
CA LYS A 221 21.17 -10.58 11.94
C LYS A 221 20.68 -9.41 12.78
N SER A 222 20.40 -8.29 12.13
N SER A 222 20.43 -8.25 12.21
CA SER A 222 19.94 -7.09 12.84
CA SER A 222 19.97 -7.05 12.92
C SER A 222 18.44 -7.08 13.15
C SER A 222 18.47 -7.04 13.23
N GLY A 223 17.71 -8.09 12.70
CA GLY A 223 16.31 -8.28 13.04
C GLY A 223 15.29 -7.84 11.98
N TYR A 224 15.73 -7.61 10.75
CA TYR A 224 14.78 -7.27 9.68
C TYR A 224 14.37 -8.56 8.98
N MET A 225 13.34 -8.47 8.15
CA MET A 225 12.95 -9.59 7.32
C MET A 225 12.67 -9.11 5.91
N MET A 226 12.73 -10.03 4.97
CA MET A 226 12.22 -9.83 3.60
C MET A 226 11.38 -11.03 3.23
N LEU A 227 10.27 -10.80 2.57
CA LEU A 227 9.49 -11.85 1.88
C LEU A 227 10.32 -12.39 0.72
N PRO A 228 10.08 -13.64 0.29
CA PRO A 228 10.76 -14.08 -0.93
C PRO A 228 10.50 -13.16 -2.15
N THR A 229 9.32 -12.60 -2.28
CA THR A 229 9.08 -11.66 -3.37
C THR A 229 9.84 -10.36 -3.19
N ASP A 230 10.07 -9.93 -1.95
CA ASP A 230 10.94 -8.77 -1.75
C ASP A 230 12.39 -9.06 -2.20
N TYR A 231 12.90 -10.17 -1.71
CA TYR A 231 14.27 -10.58 -1.95
C TYR A 231 14.57 -10.85 -3.42
N SER A 232 13.53 -11.21 -4.18
CA SER A 232 13.62 -11.44 -5.57
C SER A 232 14.10 -10.21 -6.31
N LEU A 233 13.90 -9.08 -5.68
CA LEU A 233 14.31 -7.82 -6.31
C LEU A 233 15.82 -7.60 -6.36
N ILE A 234 16.56 -8.41 -5.59
CA ILE A 234 18.00 -8.45 -5.69
C ILE A 234 18.53 -9.71 -6.30
N GLN A 235 17.65 -10.62 -6.65
CA GLN A 235 18.08 -11.84 -7.36
C GLN A 235 18.02 -11.69 -8.84
N ASP A 236 17.13 -10.85 -9.33
CA ASP A 236 16.96 -10.59 -10.76
C ASP A 236 17.84 -9.40 -11.14
N PRO A 237 18.60 -9.51 -12.21
CA PRO A 237 19.53 -8.43 -12.52
C PRO A 237 18.89 -7.11 -12.89
N LYS A 238 17.74 -7.16 -13.55
CA LYS A 238 16.99 -5.95 -13.91
C LYS A 238 16.43 -5.24 -12.68
N TYR A 239 15.78 -6.01 -11.82
CA TYR A 239 15.30 -5.43 -10.59
C TYR A 239 16.44 -4.92 -9.72
N LEU A 240 17.56 -5.62 -9.68
CA LEU A 240 18.67 -5.21 -8.82
C LEU A 240 19.19 -3.83 -9.18
N SER A 241 19.28 -3.56 -10.45
CA SER A 241 19.77 -2.27 -10.93
C SER A 241 18.89 -1.16 -10.38
N ILE A 242 17.60 -1.38 -10.36
CA ILE A 242 16.65 -0.37 -9.95
C ILE A 242 16.66 -0.22 -8.45
N VAL A 243 16.78 -1.35 -7.76
CA VAL A 243 16.98 -1.33 -6.29
C VAL A 243 18.16 -0.44 -5.94
N LYS A 244 19.29 -0.66 -6.64
CA LYS A 244 20.46 0.23 -6.40
C LYS A 244 20.20 1.67 -6.69
N GLU A 245 19.48 1.97 -7.73
CA GLU A 245 19.14 3.34 -8.08
C GLU A 245 18.37 4.01 -6.93
N TYR A 246 17.34 3.34 -6.44
CA TYR A 246 16.54 3.93 -5.38
C TYR A 246 17.28 3.97 -4.04
N ALA A 247 18.12 2.99 -3.76
CA ALA A 247 18.95 3.08 -2.56
C ALA A 247 19.88 4.25 -2.59
N ASN A 248 20.19 4.76 -3.77
CA ASN A 248 21.15 5.84 -3.90
C ASN A 248 20.55 7.17 -4.37
N ASP A 249 19.23 7.23 -4.43
CA ASP A 249 18.56 8.44 -4.86
C ASP A 249 17.16 8.54 -4.24
N GLN A 250 17.10 9.17 -3.07
CA GLN A 250 15.85 9.31 -2.35
C GLN A 250 14.79 10.06 -3.13
N ASP A 251 15.19 11.13 -3.81
CA ASP A 251 14.25 11.95 -4.53
C ASP A 251 13.69 11.17 -5.69
N LYS A 252 14.52 10.42 -6.40
CA LYS A 252 14.06 9.64 -7.57
C LYS A 252 13.05 8.62 -7.08
N PHE A 253 13.35 7.96 -5.98
CA PHE A 253 12.42 7.03 -5.45
C PHE A 253 11.07 7.67 -5.13
N PHE A 254 11.12 8.85 -4.47
CA PHE A 254 9.90 9.54 -4.11
C PHE A 254 9.06 9.84 -5.33
N LYS A 255 9.70 10.36 -6.37
N LYS A 255 9.70 10.36 -6.37
CA LYS A 255 9.00 10.77 -7.58
CA LYS A 255 9.01 10.77 -7.58
C LYS A 255 8.42 9.59 -8.34
C LYS A 255 8.42 9.59 -8.33
N ASP A 256 9.18 8.52 -8.47
CA ASP A 256 8.68 7.31 -9.12
C ASP A 256 7.59 6.60 -8.33
N PHE A 257 7.74 6.52 -7.02
CA PHE A 257 6.70 5.93 -6.21
C PHE A 257 5.41 6.73 -6.39
N SER A 258 5.48 8.06 -6.35
CA SER A 258 4.29 8.87 -6.41
C SER A 258 3.55 8.59 -7.70
N LYS A 259 4.29 8.53 -8.81
N LYS A 259 4.27 8.52 -8.81
CA LYS A 259 3.68 8.23 -10.10
CA LYS A 259 3.60 8.27 -10.08
C LYS A 259 3.02 6.86 -10.09
C LYS A 259 3.01 6.86 -10.11
N ALA A 260 3.78 5.87 -9.68
CA ALA A 260 3.29 4.49 -9.73
C ALA A 260 2.07 4.24 -8.82
N PHE A 261 2.11 4.86 -7.64
CA PHE A 261 1.06 4.69 -6.67
C PHE A 261 -0.19 5.41 -7.15
N GLU A 262 -0.08 6.62 -7.69
CA GLU A 262 -1.31 7.22 -8.25
C GLU A 262 -1.84 6.36 -9.37
N LYS A 263 -0.94 5.83 -10.22
CA LYS A 263 -1.43 5.01 -11.34
C LYS A 263 -2.13 3.76 -10.81
N LEU A 264 -1.55 3.14 -9.80
CA LEU A 264 -2.16 1.97 -9.16
C LEU A 264 -3.57 2.27 -8.69
N LEU A 265 -3.77 3.37 -8.06
N LEU A 265 -3.77 3.38 -8.05
CA LEU A 265 -5.04 3.79 -7.48
CA LEU A 265 -5.05 3.79 -7.48
C LEU A 265 -6.06 4.24 -8.53
C LEU A 265 -6.06 4.23 -8.53
N GLU A 266 -5.57 4.49 -9.77
CA GLU A 266 -6.45 5.00 -10.81
C GLU A 266 -6.68 3.99 -11.92
N ASN A 267 -5.95 2.88 -11.87
CA ASN A 267 -6.14 1.83 -12.86
C ASN A 267 -7.62 1.47 -12.97
N GLY A 268 -8.11 1.42 -14.20
CA GLY A 268 -9.49 1.03 -14.48
C GLY A 268 -10.45 2.16 -14.60
N ILE A 269 -10.05 3.35 -14.25
CA ILE A 269 -10.90 4.56 -14.28
C ILE A 269 -10.68 5.42 -15.50
N THR A 270 -11.80 5.76 -16.16
CA THR A 270 -11.83 6.69 -17.23
C THR A 270 -12.21 8.03 -16.69
N PHE A 271 -11.26 8.97 -16.80
CA PHE A 271 -11.50 10.35 -16.39
C PHE A 271 -11.96 11.12 -17.62
N PRO A 272 -13.19 11.64 -17.56
CA PRO A 272 -13.60 12.48 -18.67
C PRO A 272 -12.69 13.70 -18.90
N LYS A 273 -12.68 14.20 -20.14
CA LYS A 273 -11.77 15.29 -20.53
C LYS A 273 -11.93 16.57 -19.69
N ASP A 274 -13.13 16.79 -19.17
CA ASP A 274 -13.40 17.94 -18.31
C ASP A 274 -13.48 17.62 -16.81
N ALA A 275 -12.98 16.44 -16.42
CA ALA A 275 -12.79 16.11 -15.01
C ALA A 275 -11.83 17.12 -14.38
N PRO A 276 -11.97 17.35 -13.05
CA PRO A 276 -11.02 18.20 -12.37
C PRO A 276 -9.63 17.64 -12.50
N SER A 277 -8.65 18.52 -12.43
CA SER A 277 -7.26 18.09 -12.35
C SER A 277 -7.04 17.32 -11.03
N PRO A 278 -6.00 16.47 -10.96
CA PRO A 278 -5.69 15.85 -9.69
C PRO A 278 -5.45 16.85 -8.56
N PHE A 279 -5.88 16.48 -7.37
CA PHE A 279 -5.65 17.27 -6.18
C PHE A 279 -4.33 16.90 -5.53
N ILE A 280 -3.62 17.91 -5.02
CA ILE A 280 -2.45 17.68 -4.20
C ILE A 280 -2.74 18.23 -2.83
N PHE A 281 -3.02 17.35 -1.88
CA PHE A 281 -3.40 17.76 -0.56
C PHE A 281 -2.22 18.28 0.26
N LYS A 282 -2.48 19.30 1.06
CA LYS A 282 -1.58 19.76 2.07
C LYS A 282 -1.54 18.84 3.23
N THR A 283 -0.37 18.58 3.80
CA THR A 283 -0.28 17.83 5.02
C THR A 283 -0.74 18.67 6.21
N LEU A 284 -1.01 18.03 7.32
CA LEU A 284 -1.37 18.75 8.53
C LEU A 284 -0.25 19.71 8.88
N GLU A 285 0.97 19.24 8.76
CA GLU A 285 2.14 20.11 9.01
C GLU A 285 2.16 21.36 8.16
N GLU A 286 1.84 21.21 6.87
CA GLU A 286 1.91 22.35 5.92
C GLU A 286 0.79 23.35 6.26
N GLN A 287 -0.27 22.86 6.88
CA GLN A 287 -1.41 23.70 7.27
C GLN A 287 -1.22 24.34 8.66
N GLY A 288 -0.18 23.94 9.38
CA GLY A 288 -0.04 24.29 10.80
C GLY A 288 -1.09 23.73 11.73
N LEU A 289 -1.67 22.58 11.35
CA LEU A 289 -2.62 21.83 12.12
C LEU A 289 -2.01 20.68 12.87
CHA HEM B . 2.27 -5.87 4.14
CHB HEM B . 2.87 -9.08 0.55
CHC HEM B . 3.16 -5.41 -2.63
CHD HEM B . 2.23 -2.21 0.93
C1A HEM B . 2.39 -7.03 3.43
C2A HEM B . 2.28 -8.36 3.99
C3A HEM B . 2.44 -9.26 3.03
C4A HEM B . 2.67 -8.56 1.78
CMA HEM B . 2.49 -10.81 3.14
CAA HEM B . 2.04 -8.68 5.46
CBA HEM B . 0.56 -8.64 5.84
CGA HEM B . 0.38 -8.89 7.32
O1A HEM B . 0.92 -9.94 7.76
O2A HEM B . -0.24 -8.08 8.05
C1B HEM B . 3.06 -8.35 -0.59
C2B HEM B . 3.35 -8.93 -1.88
C3B HEM B . 3.45 -7.92 -2.76
C4B HEM B . 3.20 -6.67 -2.07
CMB HEM B . 3.50 -10.45 -2.10
CAB HEM B . 3.78 -7.94 -4.23
CBB HEM B . 4.50 -8.93 -4.74
C1C HEM B . 2.83 -4.25 -1.96
C2C HEM B . 2.54 -2.96 -2.50
C3C HEM B . 2.31 -2.07 -1.53
C4C HEM B . 2.34 -2.82 -0.29
CMC HEM B . 2.58 -2.72 -4.02
CAC HEM B . 1.90 -0.64 -1.65
CBC HEM B . 2.40 0.26 -2.47
C1D HEM B . 2.26 -2.94 2.10
C2D HEM B . 2.29 -2.30 3.41
C3D HEM B . 2.31 -3.41 4.41
C4D HEM B . 2.31 -4.60 3.64
CMD HEM B . 2.34 -0.84 3.71
CAD HEM B . 2.35 -3.27 5.95
CBD HEM B . 0.95 -3.33 6.54
CGD HEM B . 1.00 -3.33 8.05
O1D HEM B . 2.03 -2.98 8.65
O2D HEM B . -0.07 -3.69 8.63
NA HEM B . 2.58 -7.19 2.07
NB HEM B . 2.96 -6.96 -0.74
NC HEM B . 2.70 -4.12 -0.57
ND HEM B . 2.29 -4.32 2.28
FE HEM B . 2.75 -5.64 0.77
BR 2NW C . 12.02 -4.33 5.86
CAI 2NW C . 10.42 -5.09 5.25
CAG 2NW C . 10.47 -6.03 4.23
NAH 2NW C . 9.30 -6.59 3.76
CAK 2NW C . 8.11 -6.26 4.29
CAE 2NW C . 6.96 -6.86 3.79
CAC 2NW C . 5.72 -6.53 4.32
CAD 2NW C . 5.64 -5.59 5.34
CAF 2NW C . 6.78 -5.00 5.84
CAL 2NW C . 8.02 -5.33 5.31
CAJ 2NW C . 9.19 -4.76 5.79
NAA 2NW C . 9.11 -3.87 6.77
P PO4 D . 1.39 8.63 11.66
O1 PO4 D . 2.69 7.92 11.85
O2 PO4 D . 1.08 8.75 10.19
O3 PO4 D . 0.35 7.81 12.37
O4 PO4 D . 1.34 10.02 12.25
P PO4 E . 15.81 -18.96 -3.43
O1 PO4 E . 17.24 -18.54 -3.32
O2 PO4 E . 15.71 -20.08 -4.45
O3 PO4 E . 15.28 -19.44 -2.10
O4 PO4 E . 15.00 -17.80 -3.89
P PO4 F . -2.54 -6.11 15.09
O1 PO4 F . -1.26 -6.62 15.72
O2 PO4 F . -2.31 -5.86 13.61
O3 PO4 F . -3.60 -7.17 15.21
O4 PO4 F . -3.01 -4.85 15.76
P PO4 G . -18.40 -6.64 5.52
O1 PO4 G . -17.68 -7.56 4.58
O2 PO4 G . -17.61 -5.38 5.73
O3 PO4 G . -18.58 -7.34 6.85
O4 PO4 G . -19.75 -6.28 4.95
#